data_6EGF
#
_entry.id   6EGF
#
_cell.length_a   135.195
_cell.length_b   135.195
_cell.length_c   126.400
_cell.angle_alpha   90.00
_cell.angle_beta   90.00
_cell.angle_gamma   120.00
#
_symmetry.space_group_name_H-M   'P 63 2 2'
#
loop_
_entity.id
_entity.type
_entity.pdbx_description
1 polymer 'Interleukin-1 receptor-associated kinase 4'
2 non-polymer 'PHOSPHOAMINOPHOSPHONIC ACID-ADENYLATE ESTER'
3 non-polymer 'SULFATE ION'
4 non-polymer 'MAGNESIUM ION'
5 water water
#
_entity_poly.entity_id   1
_entity_poly.type   'polypeptide(L)'
_entity_poly.pdbx_seq_one_letter_code
;GAMGSRFHSFSFYELKNVTNNFDERPISVGGNKMGEGGFGVVYKGYVNNTTVAVKKLAAMVDITTEELKQQFDQEIKVMA
KCQHENLVELLGFSSDGDDLCLVYVYMPNGSLLDRLSCLDGTPPLSWHMRCKIAQGAANGINFLHENHHIHRNIKSANIL
LDEAFTAKISDFGLARASEKFAQTVMTSRIVGTTAYMAPEALRGEITPKSDIYSFGVVLLEIITGLPAVDEHREPQLLLD
IKEEIEDEEKTIEDYIDKKMNDADSTSVEAMYSVASQCLHEKKNKRPDIKKVQQLLQEMTAS
;
_entity_poly.pdbx_strand_id   B
#
loop_
_chem_comp.id
_chem_comp.type
_chem_comp.name
_chem_comp.formula
ANP non-polymer 'PHOSPHOAMINOPHOSPHONIC ACID-ADENYLATE ESTER' 'C10 H17 N6 O12 P3'
MG non-polymer 'MAGNESIUM ION' 'Mg 2'
SO4 non-polymer 'SULFATE ION' 'O4 S -2'
#
# COMPACT_ATOMS: atom_id res chain seq x y z
N ARG A 6 2.63 3.01 -23.46
CA ARG A 6 1.25 3.45 -23.26
C ARG A 6 1.18 4.56 -22.21
N PHE A 7 2.33 4.85 -21.60
CA PHE A 7 2.42 5.96 -20.64
C PHE A 7 2.53 7.27 -21.41
N HIS A 8 1.60 8.18 -21.17
CA HIS A 8 1.52 9.42 -21.94
C HIS A 8 1.04 10.53 -21.02
N SER A 9 0.92 11.74 -21.58
CA SER A 9 0.45 12.88 -20.83
C SER A 9 -1.03 13.13 -21.11
N PHE A 10 -1.68 13.79 -20.15
CA PHE A 10 -3.07 14.19 -20.27
C PHE A 10 -3.18 15.70 -20.16
N SER A 11 -4.17 16.26 -20.84
CA SER A 11 -4.51 17.66 -20.62
C SER A 11 -5.16 17.82 -19.26
N PHE A 12 -4.69 18.83 -18.51
CA PHE A 12 -5.29 19.10 -17.20
C PHE A 12 -6.79 19.40 -17.32
N TYR A 13 -7.22 19.88 -18.48
CA TYR A 13 -8.62 20.22 -18.70
C TYR A 13 -9.43 19.02 -19.16
N GLU A 14 -8.79 17.95 -19.62
CA GLU A 14 -9.51 16.69 -19.79
C GLU A 14 -9.70 15.99 -18.46
N LEU A 15 -8.66 15.99 -17.61
CA LEU A 15 -8.80 15.45 -16.27
C LEU A 15 -9.83 16.24 -15.47
N LYS A 16 -9.97 17.53 -15.75
CA LYS A 16 -11.01 18.32 -15.11
C LYS A 16 -12.40 17.79 -15.48
N ASN A 17 -12.61 17.54 -16.78
CA ASN A 17 -13.90 16.99 -17.22
C ASN A 17 -14.10 15.58 -16.70
N VAL A 18 -13.03 14.77 -16.69
CA VAL A 18 -13.14 13.36 -16.30
C VAL A 18 -13.50 13.23 -14.83
N THR A 19 -13.10 14.19 -13.99
CA THR A 19 -13.37 14.15 -12.57
C THR A 19 -14.51 15.08 -12.15
N ASN A 20 -15.34 15.49 -13.10
CA ASN A 20 -16.45 16.43 -12.84
C ASN A 20 -15.93 17.71 -12.18
N ASN A 21 -14.97 18.34 -12.87
CA ASN A 21 -14.31 19.55 -12.39
C ASN A 21 -13.66 19.33 -11.02
N PHE A 22 -13.04 18.16 -10.85
CA PHE A 22 -12.40 17.76 -9.60
C PHE A 22 -13.37 17.90 -8.42
N ASP A 23 -14.50 17.22 -8.55
CA ASP A 23 -15.55 17.26 -7.53
C ASP A 23 -15.03 16.67 -6.22
N GLU A 24 -14.74 17.52 -5.25
CA GLU A 24 -14.18 17.07 -3.98
C GLU A 24 -15.23 16.44 -3.07
N ARG A 25 -16.51 16.49 -3.42
CA ARG A 25 -17.52 15.82 -2.62
C ARG A 25 -17.30 14.32 -2.66
N PRO A 26 -17.69 13.59 -1.61
CA PRO A 26 -17.60 12.13 -1.64
C PRO A 26 -18.45 11.55 -2.77
N ILE A 27 -18.05 10.35 -3.20
CA ILE A 27 -18.77 9.66 -4.26
C ILE A 27 -20.20 9.38 -3.82
N SER A 28 -20.40 9.04 -2.55
CA SER A 28 -21.71 8.65 -2.04
C SER A 28 -22.73 9.78 -2.11
N VAL A 29 -22.28 11.04 -2.20
CA VAL A 29 -23.20 12.17 -2.28
C VAL A 29 -23.22 12.81 -3.66
N GLY A 30 -22.50 12.25 -4.62
CA GLY A 30 -22.51 12.75 -5.99
C GLY A 30 -21.18 13.28 -6.49
N GLY A 31 -20.11 13.21 -5.70
CA GLY A 31 -18.82 13.73 -6.09
C GLY A 31 -17.92 12.64 -6.66
N ASN A 32 -16.62 12.97 -6.71
CA ASN A 32 -15.61 12.07 -7.26
C ASN A 32 -14.49 11.76 -6.28
N LYS A 33 -14.60 12.22 -5.04
CA LYS A 33 -13.54 12.01 -4.05
C LYS A 33 -13.51 10.55 -3.61
N MET A 34 -12.38 9.88 -3.83
CA MET A 34 -12.15 8.54 -3.32
C MET A 34 -11.53 8.53 -1.93
N GLY A 35 -10.95 9.65 -1.52
CA GLY A 35 -10.22 9.72 -0.27
C GLY A 35 -9.12 10.75 -0.40
N GLU A 36 -8.34 10.87 0.69
CA GLU A 36 -7.23 11.81 0.70
C GLU A 36 -6.11 11.26 1.57
N GLY A 37 -4.87 11.47 1.12
CA GLY A 37 -3.71 11.00 1.83
C GLY A 37 -2.59 12.01 1.86
N GLY A 38 -1.38 11.57 1.53
CA GLY A 38 -0.24 12.47 1.58
C GLY A 38 -0.32 13.61 0.58
N PHE A 39 -0.95 13.39 -0.57
CA PHE A 39 -1.05 14.42 -1.59
C PHE A 39 -2.50 14.82 -1.82
N GLY A 40 -3.24 15.06 -0.75
CA GLY A 40 -4.58 15.58 -0.86
C GLY A 40 -5.57 14.58 -1.46
N VAL A 41 -6.61 15.13 -2.07
CA VAL A 41 -7.74 14.33 -2.54
C VAL A 41 -7.32 13.46 -3.71
N VAL A 42 -7.86 12.25 -3.76
CA VAL A 42 -7.73 11.35 -4.90
C VAL A 42 -9.10 11.25 -5.57
N TYR A 43 -9.13 11.52 -6.87
CA TYR A 43 -10.38 11.63 -7.62
C TYR A 43 -10.58 10.41 -8.51
N LYS A 44 -11.83 9.98 -8.63
CA LYS A 44 -12.22 8.89 -9.52
C LYS A 44 -12.77 9.45 -10.82
N GLY A 45 -12.42 8.80 -11.92
CA GLY A 45 -12.89 9.26 -13.22
C GLY A 45 -12.82 8.15 -14.25
N TYR A 46 -13.24 8.49 -15.47
CA TYR A 46 -13.28 7.56 -16.59
C TYR A 46 -12.72 8.26 -17.81
N VAL A 47 -11.65 7.72 -18.37
CA VAL A 47 -10.98 8.32 -19.52
C VAL A 47 -10.38 7.22 -20.38
N ASN A 48 -10.42 7.42 -21.70
CA ASN A 48 -9.86 6.47 -22.66
C ASN A 48 -10.40 5.06 -22.42
N ASN A 49 -11.71 4.97 -22.13
CA ASN A 49 -12.38 3.70 -21.87
C ASN A 49 -11.73 2.97 -20.69
N THR A 50 -11.43 3.71 -19.62
CA THR A 50 -10.74 3.16 -18.47
C THR A 50 -11.16 3.94 -17.22
N THR A 51 -11.54 3.21 -16.18
CA THR A 51 -11.77 3.84 -14.88
C THR A 51 -10.42 4.12 -14.22
N VAL A 52 -10.23 5.34 -13.75
CA VAL A 52 -8.92 5.80 -13.31
C VAL A 52 -9.03 6.47 -11.95
N ALA A 53 -7.89 6.60 -11.30
CA ALA A 53 -7.75 7.38 -10.06
C ALA A 53 -6.75 8.51 -10.33
N VAL A 54 -7.19 9.74 -10.12
CA VAL A 54 -6.37 10.92 -10.39
C VAL A 54 -5.91 11.50 -9.06
N LYS A 55 -4.62 11.82 -8.97
CA LYS A 55 -4.00 12.31 -7.75
C LYS A 55 -3.29 13.61 -8.05
N LYS A 56 -3.62 14.66 -7.29
CA LYS A 56 -3.01 15.98 -7.47
C LYS A 56 -1.77 16.06 -6.59
N LEU A 57 -0.60 16.10 -7.22
CA LEU A 57 0.66 16.21 -6.49
C LEU A 57 0.84 17.62 -5.93
N ALA A 58 1.25 18.56 -6.78
CA ALA A 58 1.50 19.93 -6.36
C ALA A 58 0.95 20.87 -7.43
N ALA A 59 1.13 22.17 -7.19
CA ALA A 59 0.72 23.19 -8.13
C ALA A 59 1.89 23.54 -9.07
N MET A 60 1.55 23.82 -10.33
CA MET A 60 2.59 24.12 -11.32
C MET A 60 3.27 25.46 -11.04
N VAL A 61 2.62 26.37 -10.33
CA VAL A 61 3.26 27.63 -9.98
C VAL A 61 4.33 27.40 -8.91
N ASP A 62 4.06 26.49 -7.97
CA ASP A 62 5.01 26.24 -6.89
C ASP A 62 6.26 25.52 -7.40
N ILE A 63 6.15 24.78 -8.50
CA ILE A 63 7.32 24.20 -9.15
C ILE A 63 8.03 25.33 -9.90
N THR A 64 8.80 26.12 -9.15
CA THR A 64 9.41 27.32 -9.73
C THR A 64 10.71 27.00 -10.45
N THR A 65 11.74 26.60 -9.69
CA THR A 65 13.05 26.37 -10.28
C THR A 65 13.02 25.19 -11.24
N GLU A 66 13.97 25.21 -12.20
CA GLU A 66 14.12 24.10 -13.12
C GLU A 66 14.61 22.84 -12.43
N GLU A 67 15.25 22.99 -11.26
CA GLU A 67 15.64 21.81 -10.48
C GLU A 67 14.41 21.07 -9.95
N LEU A 68 13.38 21.82 -9.53
CA LEU A 68 12.15 21.18 -9.09
C LEU A 68 11.41 20.54 -10.25
N LYS A 69 11.51 21.12 -11.45
CA LYS A 69 10.88 20.51 -12.62
C LYS A 69 11.53 19.17 -12.94
N GLN A 70 12.86 19.14 -13.00
CA GLN A 70 13.56 17.89 -13.28
C GLN A 70 13.54 16.93 -12.09
N GLN A 71 13.34 17.44 -10.88
CA GLN A 71 13.21 16.54 -9.73
C GLN A 71 11.93 15.72 -9.81
N PHE A 72 10.89 16.27 -10.44
CA PHE A 72 9.65 15.51 -10.64
C PHE A 72 9.63 14.78 -11.97
N ASP A 73 10.27 15.32 -13.01
CA ASP A 73 10.30 14.63 -14.30
C ASP A 73 11.03 13.30 -14.19
N GLN A 74 12.24 13.32 -13.63
CA GLN A 74 12.98 12.07 -13.46
C GLN A 74 12.31 11.15 -12.45
N GLU A 75 11.65 11.72 -11.43
CA GLU A 75 10.95 10.91 -10.45
C GLU A 75 9.79 10.16 -11.09
N ILE A 76 9.07 10.81 -12.00
CA ILE A 76 7.95 10.17 -12.68
C ILE A 76 8.44 9.17 -13.72
N LYS A 77 9.61 9.44 -14.33
CA LYS A 77 10.18 8.47 -15.27
C LYS A 77 10.39 7.12 -14.61
N VAL A 78 10.87 7.11 -13.36
CA VAL A 78 11.11 5.85 -12.67
C VAL A 78 9.80 5.16 -12.34
N MET A 79 8.81 5.92 -11.87
CA MET A 79 7.51 5.33 -11.54
C MET A 79 6.87 4.70 -12.78
N ALA A 80 6.92 5.41 -13.91
CA ALA A 80 6.31 4.89 -15.13
C ALA A 80 7.01 3.63 -15.63
N LYS A 81 8.28 3.46 -15.28
CA LYS A 81 9.03 2.30 -15.74
C LYS A 81 8.84 1.09 -14.85
N CYS A 82 8.48 1.29 -13.58
CA CYS A 82 8.31 0.18 -12.63
C CYS A 82 6.93 -0.44 -12.83
N GLN A 83 6.84 -1.30 -13.83
CA GLN A 83 5.61 -2.03 -14.15
C GLN A 83 5.78 -3.49 -13.77
N HIS A 84 4.81 -4.01 -13.01
CA HIS A 84 4.88 -5.39 -12.53
C HIS A 84 3.47 -5.87 -12.22
N GLU A 85 3.33 -7.20 -12.22
CA GLU A 85 2.04 -7.83 -11.91
C GLU A 85 1.43 -7.30 -10.62
N ASN A 86 2.27 -6.97 -9.62
CA ASN A 86 1.80 -6.56 -8.31
C ASN A 86 2.08 -5.09 -8.02
N LEU A 87 2.09 -4.25 -9.06
CA LEU A 87 2.20 -2.82 -8.91
C LEU A 87 1.06 -2.14 -9.66
N VAL A 88 0.49 -1.11 -9.04
CA VAL A 88 -0.55 -0.33 -9.70
C VAL A 88 0.03 0.37 -10.92
N GLU A 89 -0.60 0.17 -12.08
CA GLU A 89 -0.10 0.76 -13.31
C GLU A 89 -0.35 2.26 -13.33
N LEU A 90 0.71 3.04 -13.52
CA LEU A 90 0.61 4.48 -13.67
C LEU A 90 0.34 4.78 -15.14
N LEU A 91 -0.85 5.29 -15.44
CA LEU A 91 -1.25 5.51 -16.83
C LEU A 91 -0.62 6.76 -17.42
N GLY A 92 -0.51 7.84 -16.64
CA GLY A 92 0.03 9.07 -17.18
C GLY A 92 0.11 10.17 -16.15
N PHE A 93 0.25 11.39 -16.66
CA PHE A 93 0.45 12.57 -15.83
C PHE A 93 -0.11 13.78 -16.55
N SER A 94 -0.09 14.93 -15.87
CA SER A 94 -0.56 16.17 -16.44
C SER A 94 0.26 17.33 -15.89
N SER A 95 0.75 18.19 -16.80
CA SER A 95 1.54 19.35 -16.41
C SER A 95 1.11 20.64 -17.11
N ASP A 96 0.18 20.59 -18.04
CA ASP A 96 -0.19 21.73 -18.87
C ASP A 96 -1.23 22.63 -18.21
N GLY A 97 -1.58 22.38 -16.95
CA GLY A 97 -2.61 23.12 -16.28
C GLY A 97 -2.14 23.64 -14.92
N ASP A 98 -3.10 23.75 -14.00
CA ASP A 98 -2.83 24.39 -12.72
C ASP A 98 -2.15 23.46 -11.73
N ASP A 99 -2.36 22.16 -11.85
CA ASP A 99 -1.82 21.21 -10.89
C ASP A 99 -1.13 20.05 -11.60
N LEU A 100 -0.06 19.55 -10.98
CA LEU A 100 0.60 18.35 -11.45
C LEU A 100 -0.21 17.13 -11.01
N CYS A 101 -0.63 16.31 -11.96
CA CYS A 101 -1.52 15.20 -11.69
C CYS A 101 -0.88 13.88 -12.10
N LEU A 102 -1.33 12.80 -11.47
CA LEU A 102 -0.95 11.44 -11.82
C LEU A 102 -2.21 10.62 -12.02
N VAL A 103 -2.23 9.81 -13.08
CA VAL A 103 -3.39 9.00 -13.44
C VAL A 103 -3.02 7.54 -13.24
N TYR A 104 -3.65 6.89 -12.28
CA TYR A 104 -3.45 5.48 -12.01
C TYR A 104 -4.67 4.68 -12.48
N VAL A 105 -4.46 3.38 -12.63
CA VAL A 105 -5.58 2.48 -12.92
C VAL A 105 -6.42 2.31 -11.65
N TYR A 106 -7.72 2.46 -11.80
CA TYR A 106 -8.62 2.28 -10.66
C TYR A 106 -8.70 0.79 -10.30
N MET A 107 -8.49 0.49 -9.02
CA MET A 107 -8.61 -0.87 -8.53
C MET A 107 -10.00 -1.08 -7.96
N PRO A 108 -10.85 -1.89 -8.59
CA PRO A 108 -12.27 -1.90 -8.22
C PRO A 108 -12.56 -2.48 -6.84
N ASN A 109 -11.67 -3.28 -6.27
CA ASN A 109 -11.87 -3.83 -4.95
C ASN A 109 -11.18 -3.03 -3.85
N GLY A 110 -10.67 -1.84 -4.17
CA GLY A 110 -10.13 -0.96 -3.16
C GLY A 110 -8.84 -1.46 -2.54
N SER A 111 -8.58 -0.99 -1.33
CA SER A 111 -7.36 -1.31 -0.61
C SER A 111 -7.58 -2.52 0.31
N LEU A 112 -6.46 -3.18 0.63
CA LEU A 112 -6.50 -4.26 1.61
C LEU A 112 -7.01 -3.76 2.96
N LEU A 113 -6.74 -2.50 3.29
CA LEU A 113 -7.23 -1.93 4.54
C LEU A 113 -8.76 -1.93 4.59
N ASP A 114 -9.41 -1.52 3.49
CA ASP A 114 -10.86 -1.48 3.46
C ASP A 114 -11.47 -2.88 3.52
N ARG A 115 -10.84 -3.85 2.85
CA ARG A 115 -11.40 -5.20 2.82
C ARG A 115 -11.18 -5.93 4.14
N LEU A 116 -10.10 -5.61 4.86
CA LEU A 116 -9.88 -6.24 6.16
C LEU A 116 -10.87 -5.72 7.20
N SER A 117 -11.29 -4.47 7.08
CA SER A 117 -12.32 -3.91 7.95
C SER A 117 -13.72 -4.12 7.41
N CYS A 118 -13.86 -4.77 6.25
CA CYS A 118 -15.17 -5.06 5.64
C CYS A 118 -15.98 -3.78 5.46
N LEU A 119 -15.34 -2.78 4.86
CA LEU A 119 -16.01 -1.51 4.61
C LEU A 119 -17.10 -1.67 3.56
N ASP A 120 -18.19 -0.95 3.74
CA ASP A 120 -19.32 -0.93 2.81
C ASP A 120 -19.96 -2.31 2.66
N GLY A 121 -19.97 -3.10 3.73
CA GLY A 121 -20.66 -4.37 3.72
C GLY A 121 -20.05 -5.46 2.87
N THR A 122 -18.81 -5.28 2.41
CA THR A 122 -18.16 -6.33 1.64
C THR A 122 -17.88 -7.54 2.52
N PRO A 123 -17.86 -8.74 1.94
CA PRO A 123 -17.59 -9.92 2.76
C PRO A 123 -16.14 -9.96 3.18
N PRO A 124 -15.83 -10.56 4.33
CA PRO A 124 -14.43 -10.67 4.75
C PRO A 124 -13.64 -11.58 3.83
N LEU A 125 -12.36 -11.26 3.68
CA LEU A 125 -11.49 -12.08 2.86
C LEU A 125 -11.22 -13.42 3.52
N SER A 126 -11.28 -14.49 2.73
CA SER A 126 -10.95 -15.81 3.24
C SER A 126 -9.47 -15.89 3.58
N TRP A 127 -9.12 -16.86 4.42
CA TRP A 127 -7.71 -17.10 4.71
C TRP A 127 -6.96 -17.52 3.45
N HIS A 128 -7.61 -18.26 2.56
CA HIS A 128 -6.97 -18.67 1.31
C HIS A 128 -6.63 -17.45 0.46
N MET A 129 -7.53 -16.47 0.39
CA MET A 129 -7.25 -15.27 -0.39
C MET A 129 -6.19 -14.41 0.29
N ARG A 130 -6.23 -14.33 1.63
CA ARG A 130 -5.27 -13.51 2.35
C ARG A 130 -3.84 -14.01 2.14
N CYS A 131 -3.67 -15.34 2.03
CA CYS A 131 -2.35 -15.87 1.75
C CYS A 131 -1.89 -15.49 0.35
N LYS A 132 -2.78 -15.58 -0.65
CA LYS A 132 -2.41 -15.18 -2.01
C LYS A 132 -2.15 -13.68 -2.09
N ILE A 133 -2.87 -12.88 -1.30
CA ILE A 133 -2.64 -11.44 -1.30
C ILE A 133 -1.28 -11.12 -0.68
N ALA A 134 -0.95 -11.77 0.45
CA ALA A 134 0.34 -11.53 1.08
C ALA A 134 1.49 -11.98 0.18
N GLN A 135 1.30 -13.08 -0.54
CA GLN A 135 2.34 -13.54 -1.47
C GLN A 135 2.53 -12.56 -2.61
N GLY A 136 1.43 -12.06 -3.19
CA GLY A 136 1.54 -11.10 -4.27
C GLY A 136 2.18 -9.79 -3.84
N ALA A 137 1.85 -9.33 -2.64
CA ALA A 137 2.45 -8.10 -2.13
C ALA A 137 3.96 -8.26 -1.96
N ALA A 138 4.40 -9.42 -1.47
CA ALA A 138 5.83 -9.68 -1.35
C ALA A 138 6.49 -9.73 -2.72
N ASN A 139 5.80 -10.26 -3.73
CA ASN A 139 6.36 -10.27 -5.07
C ASN A 139 6.51 -8.86 -5.62
N GLY A 140 5.57 -7.97 -5.28
CA GLY A 140 5.68 -6.59 -5.72
C GLY A 140 6.80 -5.85 -5.03
N ILE A 141 6.98 -6.09 -3.71
CA ILE A 141 8.08 -5.48 -2.99
C ILE A 141 9.41 -6.01 -3.53
N ASN A 142 9.46 -7.29 -3.88
CA ASN A 142 10.69 -7.85 -4.43
C ASN A 142 11.06 -7.21 -5.76
N PHE A 143 10.05 -6.91 -6.59
CA PHE A 143 10.32 -6.24 -7.85
C PHE A 143 10.98 -4.89 -7.64
N LEU A 144 10.49 -4.13 -6.65
CA LEU A 144 11.09 -2.84 -6.34
C LEU A 144 12.52 -3.00 -5.81
N HIS A 145 12.71 -3.93 -4.87
CA HIS A 145 14.04 -4.11 -4.27
C HIS A 145 15.03 -4.68 -5.28
N GLU A 146 14.56 -5.56 -6.18
CA GLU A 146 15.46 -6.10 -7.19
C GLU A 146 16.03 -5.00 -8.07
N ASN A 147 15.23 -3.99 -8.39
CA ASN A 147 15.67 -2.85 -9.18
C ASN A 147 16.19 -1.71 -8.32
N HIS A 148 16.55 -1.99 -7.07
CA HIS A 148 17.19 -1.03 -6.17
C HIS A 148 16.29 0.18 -5.92
N HIS A 149 15.07 -0.09 -5.48
CA HIS A 149 14.12 0.94 -5.11
C HIS A 149 13.55 0.65 -3.73
N ILE A 150 13.14 1.71 -3.04
CA ILE A 150 12.52 1.60 -1.72
C ILE A 150 11.16 2.27 -1.79
N HIS A 151 10.13 1.56 -1.35
CA HIS A 151 8.78 2.11 -1.40
C HIS A 151 8.58 3.21 -0.37
N ARG A 152 9.08 2.98 0.85
CA ARG A 152 9.11 3.93 1.97
C ARG A 152 7.74 4.21 2.58
N ASN A 153 6.68 3.58 2.09
CA ASN A 153 5.34 3.84 2.63
C ASN A 153 4.47 2.60 2.45
N ILE A 154 4.97 1.45 2.90
CA ILE A 154 4.21 0.20 2.82
C ILE A 154 3.16 0.17 3.93
N LYS A 155 1.91 -0.03 3.54
CA LYS A 155 0.81 -0.16 4.49
C LYS A 155 -0.38 -0.75 3.74
N SER A 156 -1.37 -1.24 4.51
CA SER A 156 -2.51 -1.91 3.90
C SER A 156 -3.31 -0.96 3.02
N ALA A 157 -3.26 0.34 3.31
CA ALA A 157 -3.93 1.33 2.46
C ALA A 157 -3.25 1.48 1.11
N ASN A 158 -1.97 1.11 1.00
CA ASN A 158 -1.25 1.18 -0.25
C ASN A 158 -1.10 -0.18 -0.93
N ILE A 159 -1.84 -1.19 -0.46
CA ILE A 159 -1.94 -2.48 -1.12
C ILE A 159 -3.35 -2.58 -1.66
N LEU A 160 -3.50 -2.40 -2.97
CA LEU A 160 -4.79 -2.39 -3.62
C LEU A 160 -5.11 -3.76 -4.22
N LEU A 161 -6.38 -3.95 -4.56
CA LEU A 161 -6.89 -5.23 -5.05
C LEU A 161 -7.67 -5.00 -6.33
N ASP A 162 -7.26 -5.66 -7.41
CA ASP A 162 -7.93 -5.51 -8.69
C ASP A 162 -9.19 -6.38 -8.74
N GLU A 163 -9.70 -6.64 -9.94
CA GLU A 163 -10.96 -7.37 -10.06
C GLU A 163 -10.84 -8.79 -9.53
N ALA A 164 -9.67 -9.41 -9.65
CA ALA A 164 -9.44 -10.77 -9.21
C ALA A 164 -8.77 -10.84 -7.84
N PHE A 165 -8.77 -9.73 -7.10
CA PHE A 165 -8.14 -9.64 -5.78
C PHE A 165 -6.65 -9.95 -5.83
N THR A 166 -6.01 -9.60 -6.95
CA THR A 166 -4.56 -9.60 -7.02
C THR A 166 -4.02 -8.37 -6.30
N ALA A 167 -2.99 -8.58 -5.49
CA ALA A 167 -2.40 -7.48 -4.73
C ALA A 167 -1.64 -6.54 -5.66
N LYS A 168 -1.91 -5.24 -5.54
CA LYS A 168 -1.27 -4.22 -6.35
C LYS A 168 -0.73 -3.15 -5.43
N ILE A 169 0.59 -3.10 -5.28
CA ILE A 169 1.23 -2.06 -4.47
C ILE A 169 1.05 -0.72 -5.18
N SER A 170 0.61 0.29 -4.42
CA SER A 170 0.35 1.61 -4.96
C SER A 170 1.28 2.64 -4.32
N ASP A 171 1.30 3.82 -4.93
CA ASP A 171 1.95 5.01 -4.38
C ASP A 171 3.46 4.84 -4.25
N PHE A 172 4.06 4.01 -5.09
CA PHE A 172 5.51 3.92 -5.11
C PHE A 172 6.12 5.21 -5.63
N GLY A 173 7.19 5.66 -4.98
CA GLY A 173 7.87 6.90 -5.36
C GLY A 173 7.22 8.16 -4.85
N LEU A 174 5.95 8.10 -4.42
CA LEU A 174 5.29 9.30 -3.91
C LEU A 174 5.91 9.75 -2.60
N ALA A 175 6.25 8.80 -1.72
CA ALA A 175 6.98 9.17 -0.50
C ALA A 175 8.38 9.69 -0.83
N ARG A 176 9.00 9.17 -1.89
CA ARG A 176 10.28 9.70 -2.34
C ARG A 176 10.14 11.14 -2.83
N ALA A 177 9.10 11.41 -3.62
CA ALA A 177 8.86 12.77 -4.10
C ALA A 177 8.37 13.69 -2.99
N SER A 178 7.74 13.14 -1.94
CA SER A 178 7.28 13.97 -0.84
C SER A 178 8.45 14.54 -0.06
N GLU A 179 9.53 13.78 0.08
CA GLU A 179 10.75 14.25 0.73
C GLU A 179 11.80 14.64 -0.31
N LYS A 180 11.41 15.59 -1.16
CA LYS A 180 12.29 16.07 -2.22
C LYS A 180 12.03 17.55 -2.51
N THR A 193 1.29 8.30 10.02
CA THR A 193 1.45 6.97 9.44
C THR A 193 2.62 6.24 10.11
N THR A 194 2.85 6.55 11.38
CA THR A 194 3.98 5.99 12.12
C THR A 194 3.74 4.54 12.54
N ALA A 195 2.50 4.07 12.54
CA ALA A 195 2.20 2.72 13.01
C ALA A 195 2.82 1.63 12.15
N TYR A 196 3.25 1.95 10.93
CA TYR A 196 3.89 0.98 10.05
C TYR A 196 5.40 1.13 9.97
N MET A 197 5.94 2.28 10.37
CA MET A 197 7.34 2.59 10.11
C MET A 197 8.26 1.85 11.07
N ALA A 198 9.44 1.51 10.57
CA ALA A 198 10.46 0.84 11.34
C ALA A 198 11.12 1.82 12.31
N PRO A 199 11.77 1.31 13.36
CA PRO A 199 12.50 2.22 14.27
C PRO A 199 13.54 3.07 13.57
N GLU A 200 14.36 2.47 12.71
CA GLU A 200 15.35 3.25 11.96
C GLU A 200 14.68 4.18 10.95
N ALA A 201 13.50 3.81 10.46
CA ALA A 201 12.76 4.70 9.58
C ALA A 201 12.25 5.92 10.32
N LEU A 202 11.86 5.74 11.59
CA LEU A 202 11.43 6.87 12.41
C LEU A 202 12.58 7.84 12.65
N ARG A 203 13.81 7.33 12.73
CA ARG A 203 14.97 8.19 12.95
C ARG A 203 15.52 8.79 11.67
N GLY A 204 14.89 8.52 10.53
CA GLY A 204 15.29 9.11 9.28
C GLY A 204 16.15 8.24 8.38
N GLU A 205 16.36 6.97 8.73
CA GLU A 205 17.19 6.10 7.92
C GLU A 205 16.38 5.48 6.80
N ILE A 206 16.96 5.48 5.60
CA ILE A 206 16.28 5.03 4.39
C ILE A 206 16.94 3.73 3.93
N THR A 207 16.21 2.62 4.02
CA THR A 207 16.74 1.31 3.68
C THR A 207 15.59 0.41 3.29
N PRO A 208 15.81 -0.52 2.34
CA PRO A 208 14.76 -1.48 2.01
C PRO A 208 14.38 -2.38 3.17
N LYS A 209 15.22 -2.48 4.20
CA LYS A 209 14.86 -3.21 5.40
C LYS A 209 13.71 -2.54 6.15
N SER A 210 13.46 -1.25 5.90
CA SER A 210 12.31 -0.60 6.49
C SER A 210 11.01 -1.10 5.86
N ASP A 211 11.03 -1.40 4.56
CA ASP A 211 9.84 -1.96 3.92
C ASP A 211 9.49 -3.32 4.50
N ILE A 212 10.50 -4.13 4.83
CA ILE A 212 10.25 -5.45 5.40
C ILE A 212 9.53 -5.31 6.74
N TYR A 213 9.90 -4.30 7.54
CA TYR A 213 9.25 -4.07 8.81
C TYR A 213 7.78 -3.68 8.61
N SER A 214 7.52 -2.74 7.70
CA SER A 214 6.15 -2.32 7.45
C SER A 214 5.32 -3.47 6.90
N PHE A 215 5.90 -4.30 6.04
CA PHE A 215 5.19 -5.46 5.53
C PHE A 215 4.84 -6.43 6.65
N GLY A 216 5.67 -6.49 7.70
CA GLY A 216 5.34 -7.32 8.85
C GLY A 216 4.10 -6.84 9.58
N VAL A 217 3.93 -5.51 9.66
CA VAL A 217 2.72 -4.97 10.27
C VAL A 217 1.49 -5.33 9.43
N VAL A 218 1.63 -5.28 8.10
CA VAL A 218 0.53 -5.64 7.23
C VAL A 218 0.15 -7.11 7.42
N LEU A 219 1.14 -7.98 7.59
CA LEU A 219 0.86 -9.39 7.84
C LEU A 219 0.05 -9.58 9.12
N LEU A 220 0.36 -8.79 10.16
CA LEU A 220 -0.44 -8.85 11.39
C LEU A 220 -1.87 -8.39 11.13
N GLU A 221 -2.05 -7.35 10.31
CA GLU A 221 -3.40 -6.94 9.91
C GLU A 221 -4.11 -8.07 9.18
N ILE A 222 -3.38 -8.78 8.31
CA ILE A 222 -3.98 -9.88 7.55
C ILE A 222 -4.42 -10.99 8.49
N ILE A 223 -3.59 -11.32 9.49
CA ILE A 223 -3.92 -12.39 10.41
C ILE A 223 -5.10 -12.00 11.30
N THR A 224 -5.09 -10.77 11.82
CA THR A 224 -6.04 -10.37 12.85
C THR A 224 -7.27 -9.66 12.32
N GLY A 225 -7.19 -9.06 11.14
CA GLY A 225 -8.24 -8.17 10.66
C GLY A 225 -8.39 -6.88 11.42
N LEU A 226 -7.46 -6.57 12.36
CA LEU A 226 -7.36 -5.39 13.19
C LEU A 226 -6.53 -4.31 12.49
N PRO A 227 -6.85 -3.04 12.70
CA PRO A 227 -6.03 -1.97 12.14
C PRO A 227 -4.68 -1.88 12.85
N ALA A 228 -3.70 -1.31 12.14
CA ALA A 228 -2.35 -1.23 12.68
C ALA A 228 -2.29 -0.39 13.94
N VAL A 229 -3.22 0.56 14.09
CA VAL A 229 -3.29 1.40 15.29
C VAL A 229 -4.75 1.62 15.64
N ASP A 230 -5.06 1.60 16.94
CA ASP A 230 -6.40 1.86 17.44
C ASP A 230 -6.27 2.59 18.76
N GLU A 231 -6.85 3.80 18.83
CA GLU A 231 -6.70 4.63 20.02
C GLU A 231 -7.39 4.00 21.23
N HIS A 232 -8.50 3.31 21.03
CA HIS A 232 -9.26 2.68 22.11
C HIS A 232 -9.00 1.19 22.16
N ARG A 233 -7.73 0.79 22.21
CA ARG A 233 -7.37 -0.61 22.16
C ARG A 233 -6.06 -0.82 22.92
N GLU A 234 -5.95 -1.97 23.58
CA GLU A 234 -4.73 -2.35 24.27
C GLU A 234 -4.18 -3.63 23.65
N PRO A 235 -3.02 -3.59 22.98
CA PRO A 235 -2.22 -2.36 22.81
C PRO A 235 -2.74 -1.46 21.70
N GLN A 236 -2.40 -0.17 21.75
CA GLN A 236 -2.83 0.75 20.70
C GLN A 236 -2.18 0.41 19.37
N LEU A 237 -0.90 0.04 19.38
CA LEU A 237 -0.19 -0.34 18.17
C LEU A 237 -0.26 -1.84 17.97
N LEU A 238 -0.66 -2.25 16.76
CA LEU A 238 -0.81 -3.67 16.46
C LEU A 238 0.52 -4.41 16.56
N LEU A 239 1.64 -3.74 16.26
CA LEU A 239 2.94 -4.38 16.34
C LEU A 239 3.32 -4.74 17.77
N ASP A 240 2.64 -4.17 18.76
CA ASP A 240 2.96 -4.49 20.15
C ASP A 240 2.44 -5.87 20.56
N ILE A 241 1.48 -6.44 19.81
CA ILE A 241 0.96 -7.75 20.18
C ILE A 241 2.03 -8.83 20.05
N LYS A 242 3.09 -8.58 19.28
CA LYS A 242 4.21 -9.52 19.25
C LYS A 242 4.82 -9.72 20.62
N GLU A 243 4.84 -8.66 21.44
CA GLU A 243 5.35 -8.79 22.80
C GLU A 243 4.44 -9.68 23.65
N GLU A 244 3.12 -9.58 23.45
CA GLU A 244 2.19 -10.39 24.21
C GLU A 244 2.34 -11.87 23.87
N ILE A 245 2.71 -12.20 22.63
CA ILE A 245 2.90 -13.59 22.25
C ILE A 245 4.18 -14.14 22.83
N GLU A 246 5.27 -13.37 22.75
CA GLU A 246 6.56 -13.83 23.28
C GLU A 246 6.52 -13.98 24.78
N ASP A 247 5.80 -13.10 25.47
CA ASP A 247 5.67 -13.14 26.92
C ASP A 247 4.60 -14.12 27.38
N GLU A 248 3.99 -14.85 26.45
CA GLU A 248 2.97 -15.86 26.77
C GLU A 248 1.77 -15.25 27.48
N GLU A 249 1.54 -13.96 27.28
CA GLU A 249 0.34 -13.33 27.80
C GLU A 249 -0.86 -13.63 26.91
N LYS A 250 -0.63 -13.78 25.61
CA LYS A 250 -1.66 -14.19 24.66
C LYS A 250 -0.99 -15.04 23.58
N THR A 251 -1.82 -15.78 22.85
CA THR A 251 -1.35 -16.57 21.73
C THR A 251 -1.87 -15.99 20.42
N ILE A 252 -1.25 -16.40 19.32
CA ILE A 252 -1.69 -15.93 18.00
C ILE A 252 -3.11 -16.39 17.73
N GLU A 253 -3.52 -17.51 18.32
CA GLU A 253 -4.89 -17.99 18.15
C GLU A 253 -5.89 -17.00 18.74
N ASP A 254 -5.50 -16.27 19.78
CA ASP A 254 -6.41 -15.29 20.38
C ASP A 254 -6.72 -14.14 19.44
N TYR A 255 -5.77 -13.79 18.57
CA TYR A 255 -5.90 -12.62 17.72
C TYR A 255 -6.40 -12.93 16.31
N ILE A 256 -6.60 -14.21 15.98
CA ILE A 256 -7.02 -14.56 14.63
C ILE A 256 -8.38 -13.94 14.32
N ASP A 257 -8.50 -13.37 13.11
CA ASP A 257 -9.76 -12.81 12.64
C ASP A 257 -10.88 -13.83 12.76
N LYS A 258 -11.86 -13.55 13.61
CA LYS A 258 -12.97 -14.47 13.82
C LYS A 258 -13.92 -14.55 12.64
N LYS A 259 -13.81 -13.62 11.68
CA LYS A 259 -14.71 -13.60 10.53
C LYS A 259 -14.28 -14.56 9.42
N MET A 260 -13.13 -15.21 9.55
CA MET A 260 -12.70 -16.19 8.57
C MET A 260 -13.34 -17.55 8.86
N ASN A 261 -13.57 -18.32 7.79
CA ASN A 261 -14.17 -19.64 7.90
C ASN A 261 -13.23 -20.76 7.47
N ASP A 262 -12.07 -20.44 6.89
CA ASP A 262 -11.18 -21.46 6.35
C ASP A 262 -9.77 -21.38 6.91
N ALA A 263 -9.57 -20.66 8.01
CA ALA A 263 -8.24 -20.54 8.59
C ALA A 263 -7.84 -21.85 9.28
N ASP A 264 -6.57 -22.21 9.12
CA ASP A 264 -5.99 -23.35 9.83
C ASP A 264 -4.77 -22.87 10.61
N SER A 265 -4.64 -23.38 11.84
CA SER A 265 -3.63 -22.85 12.76
C SER A 265 -2.21 -23.04 12.24
N THR A 266 -1.98 -24.06 11.40
CA THR A 266 -0.64 -24.33 10.92
C THR A 266 -0.14 -23.21 10.00
N SER A 267 -0.90 -22.92 8.93
CA SER A 267 -0.47 -21.87 8.01
C SER A 267 -0.56 -20.49 8.64
N VAL A 268 -1.48 -20.29 9.59
CA VAL A 268 -1.58 -19.01 10.27
C VAL A 268 -0.31 -18.75 11.09
N GLU A 269 0.14 -19.75 11.85
CA GLU A 269 1.38 -19.62 12.60
C GLU A 269 2.58 -19.48 11.66
N ALA A 270 2.48 -20.02 10.45
CA ALA A 270 3.53 -19.83 9.47
C ALA A 270 3.65 -18.37 9.06
N MET A 271 2.53 -17.73 8.75
CA MET A 271 2.56 -16.32 8.39
C MET A 271 2.99 -15.46 9.57
N TYR A 272 2.56 -15.82 10.79
CA TYR A 272 2.97 -15.06 11.96
C TYR A 272 4.47 -15.20 12.20
N SER A 273 5.04 -16.37 11.91
CA SER A 273 6.48 -16.54 12.02
C SER A 273 7.22 -15.59 11.09
N VAL A 274 6.66 -15.36 9.89
CA VAL A 274 7.25 -14.39 8.97
C VAL A 274 7.09 -12.98 9.51
N ALA A 275 5.88 -12.64 9.98
CA ALA A 275 5.64 -11.32 10.54
C ALA A 275 6.55 -11.05 11.73
N SER A 276 6.83 -12.08 12.53
CA SER A 276 7.71 -11.91 13.68
C SER A 276 9.13 -11.57 13.24
N GLN A 277 9.66 -12.30 12.25
CA GLN A 277 11.00 -12.00 11.74
C GLN A 277 11.07 -10.60 11.14
N CYS A 278 10.01 -10.19 10.44
CA CYS A 278 10.02 -8.87 9.82
C CYS A 278 10.06 -7.75 10.85
N LEU A 279 9.45 -7.97 12.02
CA LEU A 279 9.33 -6.93 13.03
C LEU A 279 10.50 -6.91 14.01
N HIS A 280 11.61 -7.55 13.67
CA HIS A 280 12.81 -7.42 14.48
C HIS A 280 13.27 -5.96 14.51
N GLU A 281 13.50 -5.44 15.71
CA GLU A 281 13.89 -4.05 15.85
C GLU A 281 15.26 -3.78 15.20
N LYS A 282 16.18 -4.73 15.31
CA LYS A 282 17.44 -4.64 14.61
C LYS A 282 17.21 -4.96 13.13
N LYS A 283 17.48 -3.98 12.26
CA LYS A 283 17.15 -4.13 10.85
C LYS A 283 17.94 -5.26 10.19
N ASN A 284 19.12 -5.58 10.72
CA ASN A 284 19.91 -6.67 10.16
C ASN A 284 19.39 -8.04 10.55
N LYS A 285 18.54 -8.12 11.59
CA LYS A 285 17.94 -9.39 11.97
C LYS A 285 16.74 -9.76 11.11
N ARG A 286 16.17 -8.80 10.38
CA ARG A 286 15.03 -9.07 9.51
C ARG A 286 15.50 -9.77 8.23
N PRO A 287 14.67 -10.63 7.67
CA PRO A 287 15.01 -11.25 6.39
C PRO A 287 14.81 -10.29 5.23
N ASP A 288 15.49 -10.57 4.13
CA ASP A 288 15.25 -9.83 2.90
C ASP A 288 13.95 -10.29 2.25
N ILE A 289 13.50 -9.54 1.25
CA ILE A 289 12.20 -9.82 0.64
C ILE A 289 12.18 -11.19 -0.02
N LYS A 290 13.33 -11.67 -0.49
CA LYS A 290 13.38 -12.99 -1.11
C LYS A 290 13.14 -14.10 -0.09
N LYS A 291 13.69 -13.94 1.12
CA LYS A 291 13.39 -14.89 2.18
C LYS A 291 11.92 -14.82 2.56
N VAL A 292 11.35 -13.61 2.56
CA VAL A 292 9.91 -13.46 2.82
C VAL A 292 9.10 -14.19 1.74
N GLN A 293 9.51 -14.03 0.47
CA GLN A 293 8.85 -14.77 -0.60
C GLN A 293 8.94 -16.27 -0.37
N GLN A 294 10.11 -16.77 0.00
CA GLN A 294 10.29 -18.19 0.24
C GLN A 294 9.35 -18.68 1.34
N LEU A 295 9.35 -17.99 2.48
CA LEU A 295 8.56 -18.45 3.61
C LEU A 295 7.06 -18.34 3.33
N LEU A 296 6.64 -17.30 2.60
CA LEU A 296 5.23 -17.16 2.28
C LEU A 296 4.79 -18.21 1.26
N GLN A 297 5.67 -18.53 0.30
CA GLN A 297 5.34 -19.57 -0.67
C GLN A 297 5.34 -20.95 -0.03
N GLU A 298 6.29 -21.21 0.87
CA GLU A 298 6.30 -22.47 1.62
C GLU A 298 5.11 -22.58 2.55
N MET A 299 4.51 -21.45 2.95
CA MET A 299 3.37 -21.47 3.85
C MET A 299 2.19 -22.22 3.23
N THR A 300 2.00 -22.08 1.92
CA THR A 300 0.92 -22.73 1.22
C THR A 300 1.38 -23.96 0.42
N ALA A 301 2.59 -24.44 0.67
CA ALA A 301 3.10 -25.60 -0.05
C ALA A 301 2.35 -26.86 0.39
N SER A 302 2.55 -27.93 -0.37
CA SER A 302 1.92 -29.21 -0.09
C SER A 302 2.68 -30.36 -0.73
PG ANP B . -1.06 7.75 1.44
O1G ANP B . -1.10 6.60 0.37
O2G ANP B . 0.23 7.57 2.34
O3G ANP B . -1.01 9.08 0.75
PB ANP B . -3.66 6.80 1.71
O1B ANP B . -4.56 6.20 2.82
O2B ANP B . -3.09 5.68 0.91
N3B ANP B . -2.42 7.68 2.44
PA ANP B . -4.32 7.93 -0.75
O1A ANP B . -4.32 9.44 -1.02
O2A ANP B . -3.11 7.27 -1.25
O3A ANP B . -4.52 7.76 0.83
O5' ANP B . -5.59 7.25 -1.41
C5' ANP B . -6.93 7.63 -1.03
C4' ANP B . -7.81 6.40 -0.94
O4' ANP B . -8.03 5.86 -2.27
C3' ANP B . -7.24 5.24 -0.11
O3' ANP B . -8.28 4.55 0.56
C2' ANP B . -6.56 4.37 -1.16
O2' ANP B . -6.51 3.00 -0.76
C1' ANP B . -7.49 4.56 -2.36
N9 ANP B . -6.81 4.44 -3.65
C8 ANP B . -5.63 5.04 -4.02
N7 ANP B . -5.27 4.76 -5.26
C5 ANP B . -6.28 3.94 -5.72
C6 ANP B . -6.49 3.30 -6.97
N6 ANP B . -5.65 3.40 -8.00
N1 ANP B . -7.61 2.56 -7.11
C2 ANP B . -8.45 2.45 -6.08
N3 ANP B . -8.35 3.00 -4.86
C4 ANP B . -7.25 3.74 -4.75
S SO4 C . 15.23 -7.80 17.95
O1 SO4 C . 14.62 -8.94 17.27
O2 SO4 C . 14.18 -6.92 18.46
O3 SO4 C . 16.04 -8.29 19.07
O4 SO4 C . 16.08 -7.08 17.02
S SO4 D . 14.34 4.95 -4.86
O1 SO4 D . 14.06 4.23 -6.09
O2 SO4 D . 13.10 5.42 -4.25
O3 SO4 D . 15.04 4.07 -3.92
O4 SO4 D . 15.19 6.11 -5.16
MG MG E . -2.24 5.14 -0.91
#